data_5O6S
#
_entry.id   5O6S
#
_cell.length_a   48.213
_cell.length_b   71.669
_cell.length_c   118.033
_cell.angle_alpha   90.00
_cell.angle_beta   94.97
_cell.angle_gamma   90.00
#
_symmetry.space_group_name_H-M   'I 1 2 1'
#
loop_
_entity.id
_entity.type
_entity.pdbx_description
1 polymer Polyubiquitin-B
2 water water
#
_entity_poly.entity_id   1
_entity_poly.type   'polypeptide(L)'
_entity_poly.pdbx_seq_one_letter_code
;GSGGSMQILVTTISAETIRLEVEPSDTIENVKAKIQDKEGIPPDQQRLFFEGKQLEDGRTLSDYNINKKSTLLLVVKFHR
VAS
;
_entity_poly.pdbx_strand_id   A,B,C,D,E,F
#
# COMPACT_ATOMS: atom_id res chain seq x y z
N GLY A 4 -40.09 -15.90 9.16
CA GLY A 4 -40.60 -16.15 10.50
C GLY A 4 -41.77 -15.25 10.88
N SER A 5 -41.76 -14.76 12.16
CA SER A 5 -42.77 -13.87 12.75
C SER A 5 -43.03 -12.65 11.85
N MET A 6 -41.93 -11.95 11.49
CA MET A 6 -41.84 -10.80 10.58
C MET A 6 -40.35 -10.52 10.38
N GLN A 7 -39.80 -10.98 9.24
CA GLN A 7 -38.41 -10.80 8.89
C GLN A 7 -38.25 -9.53 8.07
N ILE A 8 -37.49 -8.55 8.61
CA ILE A 8 -37.23 -7.28 7.93
C ILE A 8 -35.77 -7.16 7.51
N LEU A 9 -35.52 -6.43 6.42
CA LEU A 9 -34.18 -6.22 5.87
C LEU A 9 -33.71 -4.82 6.22
N VAL A 10 -32.47 -4.70 6.71
CA VAL A 10 -31.89 -3.42 7.09
C VAL A 10 -30.63 -3.17 6.25
N THR A 11 -30.73 -2.22 5.31
CA THR A 11 -29.65 -1.83 4.40
C THR A 11 -28.72 -0.86 5.13
N THR A 12 -27.66 -1.40 5.75
CA THR A 12 -26.67 -0.63 6.52
C THR A 12 -25.63 -0.05 5.56
N ILE A 13 -25.52 1.30 5.53
CA ILE A 13 -24.59 2.02 4.65
C ILE A 13 -23.64 2.89 5.46
N SER A 14 -22.36 2.90 5.05
CA SER A 14 -21.28 3.69 5.61
C SER A 14 -20.48 4.22 4.42
N ALA A 15 -20.33 5.56 4.33
CA ALA A 15 -19.62 6.19 3.22
C ALA A 15 -18.82 7.42 3.63
N GLU A 16 -17.63 7.58 3.02
CA GLU A 16 -16.69 8.69 3.24
C GLU A 16 -15.86 8.96 1.99
N THR A 17 -15.48 10.23 1.77
CA THR A 17 -14.65 10.63 0.63
C THR A 17 -13.30 11.11 1.15
N ILE A 18 -12.23 10.38 0.77
CA ILE A 18 -10.87 10.67 1.20
C ILE A 18 -10.04 11.25 0.06
N ARG A 19 -9.38 12.37 0.33
CA ARG A 19 -8.50 13.05 -0.63
C ARG A 19 -7.11 12.47 -0.42
N LEU A 20 -6.42 12.16 -1.53
CA LEU A 20 -5.07 11.61 -1.47
C LEU A 20 -4.12 12.36 -2.39
N GLU A 21 -2.99 12.83 -1.83
CA GLU A 21 -1.95 13.50 -2.60
C GLU A 21 -1.04 12.40 -3.13
N VAL A 22 -1.11 12.14 -4.44
CA VAL A 22 -0.35 11.09 -5.12
C VAL A 22 0.45 11.64 -6.31
N GLU A 23 1.42 10.86 -6.78
CA GLU A 23 2.25 11.21 -7.94
C GLU A 23 1.71 10.38 -9.13
N PRO A 24 1.77 10.88 -10.40
CA PRO A 24 1.31 10.03 -11.53
C PRO A 24 2.15 8.75 -11.69
N SER A 25 3.37 8.77 -11.14
CA SER A 25 4.32 7.67 -11.12
C SER A 25 3.98 6.60 -10.07
N ASP A 26 3.10 6.93 -9.10
CA ASP A 26 2.69 6.01 -8.02
C ASP A 26 1.92 4.81 -8.53
N THR A 27 2.34 3.62 -8.07
CA THR A 27 1.70 2.33 -8.38
C THR A 27 0.44 2.25 -7.53
N ILE A 28 -0.53 1.41 -7.92
CA ILE A 28 -1.76 1.29 -7.15
C ILE A 28 -1.48 0.59 -5.79
N GLU A 29 -0.32 -0.10 -5.66
CA GLU A 29 0.14 -0.74 -4.41
C GLU A 29 0.37 0.37 -3.39
N ASN A 30 1.08 1.45 -3.83
CA ASN A 30 1.41 2.64 -3.05
C ASN A 30 0.15 3.44 -2.69
N VAL A 31 -0.88 3.41 -3.56
CA VAL A 31 -2.16 4.09 -3.37
C VAL A 31 -2.91 3.41 -2.22
N LYS A 32 -2.93 2.06 -2.22
CA LYS A 32 -3.56 1.22 -1.18
C LYS A 32 -2.85 1.37 0.17
N ALA A 33 -1.54 1.64 0.12
CA ALA A 33 -0.69 1.85 1.30
C ALA A 33 -1.03 3.20 1.96
N LYS A 34 -1.38 4.20 1.14
CA LYS A 34 -1.75 5.56 1.58
C LYS A 34 -3.13 5.55 2.25
N ILE A 35 -4.02 4.63 1.83
CA ILE A 35 -5.37 4.45 2.39
C ILE A 35 -5.27 3.81 3.79
N GLN A 36 -4.28 2.90 3.98
CA GLN A 36 -4.01 2.22 5.25
C GLN A 36 -3.58 3.22 6.33
N ASP A 37 -2.85 4.30 5.93
CA ASP A 37 -2.39 5.35 6.84
C ASP A 37 -3.54 6.30 7.19
N LYS A 38 -4.44 6.55 6.22
CA LYS A 38 -5.58 7.45 6.35
C LYS A 38 -6.77 6.85 7.12
N GLU A 39 -7.13 5.58 6.83
CA GLU A 39 -8.28 4.91 7.46
C GLU A 39 -7.90 3.75 8.39
N GLY A 40 -7.03 2.87 7.92
CA GLY A 40 -6.59 1.69 8.65
C GLY A 40 -7.12 0.39 8.08
N ILE A 41 -7.11 0.27 6.73
CA ILE A 41 -7.58 -0.90 5.99
C ILE A 41 -6.40 -1.54 5.24
N PRO A 42 -6.15 -2.88 5.41
CA PRO A 42 -5.02 -3.50 4.70
C PRO A 42 -5.19 -3.50 3.17
N PRO A 43 -4.08 -3.45 2.38
CA PRO A 43 -4.21 -3.43 0.91
C PRO A 43 -4.90 -4.64 0.28
N ASP A 44 -4.71 -5.85 0.85
CA ASP A 44 -5.31 -7.10 0.35
C ASP A 44 -6.82 -7.09 0.34
N GLN A 45 -7.48 -6.53 1.36
CA GLN A 45 -8.95 -6.51 1.40
C GLN A 45 -9.56 -5.28 0.70
N GLN A 46 -8.70 -4.35 0.23
CA GLN A 46 -9.10 -3.15 -0.50
C GLN A 46 -9.36 -3.47 -1.98
N ARG A 47 -10.45 -2.91 -2.52
CA ARG A 47 -10.84 -3.11 -3.93
C ARG A 47 -10.98 -1.75 -4.61
N LEU A 48 -9.97 -1.37 -5.41
CA LEU A 48 -9.97 -0.07 -6.12
C LEU A 48 -10.55 -0.13 -7.52
N PHE A 49 -11.29 0.92 -7.91
CA PHE A 49 -11.95 1.03 -9.21
C PHE A 49 -11.82 2.43 -9.81
N PHE A 50 -11.84 2.50 -11.14
CA PHE A 50 -11.80 3.71 -11.96
C PHE A 50 -12.33 3.37 -13.34
N GLU A 51 -13.39 4.08 -13.79
CA GLU A 51 -14.08 3.89 -15.07
C GLU A 51 -14.69 2.48 -15.20
N GLY A 52 -15.05 1.88 -14.07
CA GLY A 52 -15.62 0.54 -13.97
C GLY A 52 -14.59 -0.56 -13.79
N LYS A 53 -13.39 -0.38 -14.37
CA LYS A 53 -12.28 -1.34 -14.32
C LYS A 53 -11.65 -1.45 -12.93
N GLN A 54 -11.43 -2.70 -12.46
CA GLN A 54 -10.79 -2.94 -11.16
C GLN A 54 -9.30 -2.68 -11.28
N LEU A 55 -8.81 -1.71 -10.50
CA LEU A 55 -7.41 -1.31 -10.49
C LEU A 55 -6.56 -2.40 -9.84
N GLU A 56 -5.73 -3.06 -10.67
CA GLU A 56 -4.85 -4.16 -10.28
C GLU A 56 -3.39 -3.73 -10.14
N ASP A 57 -2.70 -4.32 -9.14
CA ASP A 57 -1.31 -4.01 -8.80
C ASP A 57 -0.31 -4.49 -9.86
N GLY A 58 0.77 -3.72 -9.99
CA GLY A 58 1.83 -3.95 -10.97
C GLY A 58 1.85 -2.85 -12.02
N ARG A 59 0.78 -2.05 -12.07
CA ARG A 59 0.58 -0.91 -12.97
C ARG A 59 0.55 0.40 -12.17
N THR A 60 0.58 1.56 -12.88
CA THR A 60 0.55 2.88 -12.24
C THR A 60 -0.73 3.66 -12.52
N LEU A 61 -0.86 4.86 -11.92
CA LEU A 61 -2.01 5.73 -12.11
C LEU A 61 -2.04 6.30 -13.54
N SER A 62 -0.86 6.39 -14.19
CA SER A 62 -0.70 6.87 -15.57
C SER A 62 -1.26 5.86 -16.59
N ASP A 63 -1.12 4.55 -16.27
CA ASP A 63 -1.59 3.43 -17.10
C ASP A 63 -3.11 3.45 -17.29
N TYR A 64 -3.85 3.83 -16.24
CA TYR A 64 -5.32 3.94 -16.25
C TYR A 64 -5.76 5.38 -16.57
N ASN A 65 -4.76 6.27 -16.83
CA ASN A 65 -4.92 7.70 -17.15
C ASN A 65 -5.69 8.45 -16.05
N ILE A 66 -5.13 8.41 -14.84
CA ILE A 66 -5.68 9.07 -13.65
C ILE A 66 -4.87 10.34 -13.41
N ASN A 67 -5.56 11.49 -13.39
CA ASN A 67 -4.95 12.80 -13.19
C ASN A 67 -5.61 13.55 -12.03
N LYS A 68 -5.35 14.88 -11.92
CA LYS A 68 -5.89 15.75 -10.88
C LYS A 68 -7.42 15.72 -10.88
N LYS A 69 -8.02 15.70 -9.68
CA LYS A 69 -9.47 15.72 -9.43
C LYS A 69 -10.22 14.50 -10.05
N SER A 70 -9.57 13.31 -10.05
CA SER A 70 -10.17 12.07 -10.55
C SER A 70 -10.87 11.32 -9.42
N THR A 71 -12.09 10.83 -9.68
CA THR A 71 -12.91 10.10 -8.72
C THR A 71 -12.64 8.59 -8.79
N LEU A 72 -12.05 8.04 -7.72
CA LEU A 72 -11.72 6.63 -7.55
C LEU A 72 -12.75 5.99 -6.63
N LEU A 73 -13.00 4.69 -6.81
CA LEU A 73 -13.98 3.96 -6.00
C LEU A 73 -13.33 2.87 -5.18
N LEU A 74 -13.55 2.90 -3.85
CA LEU A 74 -13.02 1.90 -2.93
C LEU A 74 -14.18 1.21 -2.23
N VAL A 75 -14.27 -0.12 -2.38
CA VAL A 75 -15.31 -0.93 -1.77
C VAL A 75 -14.67 -1.79 -0.67
N VAL A 76 -15.21 -1.70 0.57
CA VAL A 76 -14.71 -2.44 1.73
C VAL A 76 -15.84 -3.19 2.48
N LYS A 77 -15.46 -4.07 3.43
CA LYS A 77 -16.34 -4.92 4.22
C LYS A 77 -17.09 -4.24 5.36
N PHE A 78 -18.27 -4.81 5.72
CA PHE A 78 -19.22 -4.43 6.79
C PHE A 78 -19.43 -2.92 6.94
N GLY B 4 -1.74 20.18 -4.64
CA GLY B 4 -0.44 20.49 -5.18
C GLY B 4 -0.14 19.81 -6.51
N SER B 5 0.68 18.72 -6.45
CA SER B 5 1.08 17.92 -7.62
C SER B 5 -0.12 17.22 -8.27
N MET B 6 -0.83 16.36 -7.50
CA MET B 6 -2.00 15.61 -7.95
C MET B 6 -2.83 15.15 -6.75
N GLN B 7 -4.00 15.76 -6.55
CA GLN B 7 -4.92 15.43 -5.46
C GLN B 7 -6.21 14.76 -5.98
N ILE B 8 -6.28 13.43 -5.80
CA ILE B 8 -7.37 12.56 -6.24
C ILE B 8 -8.38 12.30 -5.12
N LEU B 9 -9.65 12.03 -5.50
CA LEU B 9 -10.70 11.73 -4.54
C LEU B 9 -11.01 10.24 -4.58
N VAL B 10 -11.14 9.63 -3.38
CA VAL B 10 -11.42 8.20 -3.26
C VAL B 10 -12.75 8.03 -2.49
N THR B 11 -13.80 7.61 -3.23
CA THR B 11 -15.14 7.39 -2.71
C THR B 11 -15.20 6.02 -2.01
N THR B 12 -14.94 6.01 -0.69
CA THR B 12 -14.92 4.80 0.12
C THR B 12 -16.35 4.41 0.52
N ILE B 13 -16.78 3.20 0.11
CA ILE B 13 -18.12 2.66 0.40
C ILE B 13 -18.02 1.32 1.12
N SER B 14 -18.88 1.14 2.13
CA SER B 14 -19.00 -0.07 2.94
C SER B 14 -20.50 -0.31 3.12
N ALA B 15 -20.98 -1.52 2.76
CA ALA B 15 -22.40 -1.86 2.86
C ALA B 15 -22.68 -3.31 3.23
N GLU B 16 -23.80 -3.56 3.97
CA GLU B 16 -24.26 -4.88 4.40
C GLU B 16 -25.75 -4.86 4.78
N THR B 17 -26.49 -5.94 4.43
CA THR B 17 -27.90 -6.07 4.78
C THR B 17 -28.06 -6.96 6.03
N ILE B 18 -28.85 -6.49 7.00
CA ILE B 18 -29.10 -7.17 8.27
C ILE B 18 -30.54 -7.68 8.34
N ARG B 19 -30.71 -8.98 8.67
CA ARG B 19 -32.01 -9.62 8.82
C ARG B 19 -32.48 -9.49 10.26
N LEU B 20 -33.71 -8.99 10.47
CA LEU B 20 -34.24 -8.81 11.82
C LEU B 20 -35.63 -9.38 12.01
N GLU B 21 -35.77 -10.30 12.98
CA GLU B 21 -37.04 -10.89 13.38
C GLU B 21 -37.66 -9.92 14.37
N VAL B 22 -38.72 -9.23 13.97
CA VAL B 22 -39.42 -8.22 14.78
C VAL B 22 -40.92 -8.50 14.87
N GLU B 23 -41.60 -7.86 15.84
CA GLU B 23 -43.05 -7.97 16.03
C GLU B 23 -43.67 -6.68 15.46
N PRO B 24 -44.89 -6.69 14.88
CA PRO B 24 -45.46 -5.41 14.39
C PRO B 24 -45.72 -4.41 15.52
N SER B 25 -45.80 -4.92 16.77
CA SER B 25 -45.97 -4.16 18.01
C SER B 25 -44.67 -3.47 18.45
N ASP B 26 -43.49 -3.90 17.93
CA ASP B 26 -42.18 -3.34 18.28
C ASP B 26 -42.01 -1.88 17.88
N THR B 27 -41.47 -1.07 18.79
CA THR B 27 -41.16 0.36 18.59
C THR B 27 -39.81 0.47 17.87
N ILE B 28 -39.48 1.64 17.30
CA ILE B 28 -38.21 1.87 16.60
C ILE B 28 -37.01 1.77 17.56
N GLU B 29 -37.19 2.20 18.84
CA GLU B 29 -36.14 2.09 19.87
C GLU B 29 -35.77 0.63 20.19
N ASN B 30 -36.74 -0.30 20.04
CA ASN B 30 -36.53 -1.74 20.23
C ASN B 30 -35.82 -2.35 19.03
N VAL B 31 -36.13 -1.86 17.80
CA VAL B 31 -35.52 -2.32 16.54
C VAL B 31 -34.06 -1.85 16.51
N LYS B 32 -33.80 -0.62 17.03
CA LYS B 32 -32.47 -0.03 17.14
C LYS B 32 -31.60 -0.82 18.13
N ALA B 33 -32.23 -1.33 19.21
CA ALA B 33 -31.60 -2.16 20.24
C ALA B 33 -31.22 -3.53 19.67
N LYS B 34 -32.02 -4.04 18.70
CA LYS B 34 -31.78 -5.30 18.02
C LYS B 34 -30.59 -5.21 17.06
N ILE B 35 -30.34 -4.00 16.50
CA ILE B 35 -29.22 -3.71 15.60
C ILE B 35 -27.90 -3.70 16.40
N GLN B 36 -27.96 -3.22 17.68
CA GLN B 36 -26.82 -3.17 18.59
C GLN B 36 -26.32 -4.59 18.92
N ASP B 37 -27.24 -5.57 18.99
CA ASP B 37 -26.91 -6.97 19.26
C ASP B 37 -26.32 -7.67 18.03
N LYS B 38 -26.81 -7.30 16.82
CA LYS B 38 -26.37 -7.89 15.56
C LYS B 38 -25.06 -7.31 15.02
N GLU B 39 -24.88 -5.98 15.09
CA GLU B 39 -23.68 -5.30 14.56
C GLU B 39 -22.76 -4.69 15.64
N GLY B 40 -23.33 -4.00 16.61
CA GLY B 40 -22.60 -3.34 17.69
C GLY B 40 -22.55 -1.82 17.56
N ILE B 41 -23.69 -1.22 17.19
CA ILE B 41 -23.84 0.23 17.00
C ILE B 41 -24.85 0.78 18.02
N PRO B 42 -24.50 1.83 18.82
CA PRO B 42 -25.46 2.37 19.80
C PRO B 42 -26.72 2.95 19.15
N PRO B 43 -27.90 2.79 19.81
CA PRO B 43 -29.18 3.21 19.20
C PRO B 43 -29.38 4.69 18.86
N ASP B 44 -28.73 5.62 19.57
CA ASP B 44 -28.95 7.04 19.27
C ASP B 44 -28.05 7.57 18.14
N GLN B 45 -26.94 6.86 17.81
CA GLN B 45 -26.05 7.27 16.74
C GLN B 45 -26.39 6.59 15.38
N GLN B 46 -27.54 5.91 15.32
CA GLN B 46 -28.02 5.24 14.11
C GLN B 46 -29.35 5.84 13.62
N ARG B 47 -29.39 6.22 12.32
CA ARG B 47 -30.58 6.84 11.71
C ARG B 47 -31.34 5.84 10.83
N LEU B 48 -32.61 5.53 11.22
CA LEU B 48 -33.48 4.61 10.48
C LEU B 48 -34.43 5.31 9.52
N PHE B 49 -34.66 4.69 8.35
CA PHE B 49 -35.52 5.23 7.29
C PHE B 49 -36.39 4.14 6.65
N PHE B 50 -37.56 4.57 6.13
CA PHE B 50 -38.53 3.76 5.40
C PHE B 50 -39.43 4.70 4.61
N GLU B 51 -39.47 4.51 3.27
CA GLU B 51 -40.23 5.32 2.31
C GLU B 51 -39.80 6.80 2.31
N GLY B 52 -38.52 7.03 2.65
CA GLY B 52 -37.92 8.35 2.71
C GLY B 52 -37.99 9.00 4.08
N LYS B 53 -39.06 8.71 4.84
CA LYS B 53 -39.33 9.26 6.17
C LYS B 53 -38.38 8.69 7.22
N GLN B 54 -37.83 9.58 8.08
CA GLN B 54 -36.93 9.18 9.15
C GLN B 54 -37.75 8.58 10.30
N LEU B 55 -37.47 7.30 10.61
CA LEU B 55 -38.17 6.56 11.66
C LEU B 55 -37.76 7.03 13.04
N GLU B 56 -38.77 7.47 13.83
CA GLU B 56 -38.69 8.00 15.20
C GLU B 56 -38.82 6.89 16.25
N ASP B 57 -37.96 6.93 17.29
CA ASP B 57 -37.84 5.98 18.40
C ASP B 57 -39.15 5.57 19.11
N GLY B 58 -40.11 6.49 19.21
CA GLY B 58 -41.38 6.27 19.89
C GLY B 58 -42.41 5.44 19.15
N ARG B 59 -42.63 5.74 17.86
CA ARG B 59 -43.62 5.08 17.01
C ARG B 59 -43.29 3.62 16.71
N THR B 60 -44.34 2.78 16.52
CA THR B 60 -44.20 1.35 16.22
C THR B 60 -44.03 1.13 14.72
N LEU B 61 -43.73 -0.13 14.31
CA LEU B 61 -43.55 -0.53 12.91
C LEU B 61 -44.90 -0.52 12.16
N SER B 62 -46.02 -0.67 12.92
CA SER B 62 -47.39 -0.64 12.38
C SER B 62 -47.78 0.78 11.94
N ASP B 63 -47.30 1.80 12.67
CA ASP B 63 -47.54 3.23 12.42
C ASP B 63 -47.02 3.67 11.05
N TYR B 64 -45.86 3.12 10.64
CA TYR B 64 -45.23 3.40 9.34
C TYR B 64 -45.62 2.35 8.30
N ASN B 65 -46.49 1.39 8.70
CA ASN B 65 -47.00 0.26 7.91
C ASN B 65 -45.86 -0.59 7.35
N ILE B 66 -45.05 -1.15 8.26
CA ILE B 66 -43.92 -2.04 7.96
C ILE B 66 -44.36 -3.47 8.22
N ASN B 67 -44.28 -4.31 7.18
CA ASN B 67 -44.67 -5.72 7.23
C ASN B 67 -43.54 -6.64 6.75
N LYS B 68 -43.85 -7.92 6.47
CA LYS B 68 -42.91 -8.94 5.99
C LYS B 68 -42.24 -8.47 4.69
N LYS B 69 -40.94 -8.78 4.53
CA LYS B 69 -40.14 -8.44 3.34
C LYS B 69 -39.99 -6.92 3.07
N SER B 70 -40.00 -6.09 4.14
CA SER B 70 -39.86 -4.63 4.01
C SER B 70 -38.39 -4.21 4.13
N THR B 71 -37.94 -3.36 3.20
CA THR B 71 -36.56 -2.86 3.15
C THR B 71 -36.44 -1.54 3.94
N LEU B 72 -35.68 -1.59 5.03
CA LEU B 72 -35.38 -0.47 5.92
C LEU B 72 -33.98 0.06 5.63
N LEU B 73 -33.75 1.36 5.82
CA LEU B 73 -32.46 1.98 5.54
C LEU B 73 -31.80 2.51 6.80
N LEU B 74 -30.56 2.07 7.05
CA LEU B 74 -29.78 2.49 8.21
C LEU B 74 -28.52 3.18 7.72
N VAL B 75 -28.37 4.48 8.03
CA VAL B 75 -27.17 5.23 7.63
C VAL B 75 -26.26 5.35 8.85
N VAL B 76 -25.07 4.74 8.73
CA VAL B 76 -24.07 4.68 9.82
C VAL B 76 -22.82 5.50 9.49
N LYS B 77 -22.25 6.14 10.54
CA LYS B 77 -21.03 6.94 10.48
C LYS B 77 -19.83 6.12 10.00
N PHE B 78 -18.95 6.79 9.22
CA PHE B 78 -17.71 6.31 8.60
C PHE B 78 -16.96 5.32 9.50
N HIS B 79 -16.45 5.80 10.65
CA HIS B 79 -15.73 5.01 11.66
C HIS B 79 -15.86 5.64 13.03
N SER C 5 5.83 3.81 49.23
CA SER C 5 4.96 2.74 49.69
C SER C 5 4.63 1.75 48.56
N MET C 6 4.42 2.26 47.33
CA MET C 6 4.10 1.47 46.14
C MET C 6 4.80 2.00 44.88
N GLN C 7 5.11 1.11 43.91
CA GLN C 7 5.76 1.51 42.66
C GLN C 7 4.73 1.73 41.54
N ILE C 8 4.94 2.81 40.76
CA ILE C 8 4.07 3.20 39.62
C ILE C 8 4.90 3.48 38.37
N LEU C 9 4.30 3.25 37.18
CA LEU C 9 4.97 3.50 35.91
C LEU C 9 4.44 4.78 35.28
N VAL C 10 5.34 5.63 34.79
CA VAL C 10 5.00 6.91 34.16
C VAL C 10 5.52 6.90 32.71
N THR C 11 4.58 6.82 31.76
CA THR C 11 4.86 6.80 30.31
C THR C 11 5.11 8.24 29.83
N THR C 12 6.39 8.66 29.85
CA THR C 12 6.83 9.99 29.44
C THR C 12 6.96 10.08 27.92
N ILE C 13 6.17 10.97 27.28
CA ILE C 13 6.16 11.19 25.83
C ILE C 13 6.40 12.67 25.51
N SER C 14 7.15 12.92 24.44
CA SER C 14 7.45 14.25 23.89
C SER C 14 7.24 14.17 22.38
N ALA C 15 6.34 15.00 21.83
CA ALA C 15 6.02 14.97 20.40
C ALA C 15 5.71 16.33 19.80
N GLU C 16 6.12 16.52 18.53
CA GLU C 16 5.91 17.72 17.71
C GLU C 16 6.16 17.42 16.23
N THR C 17 5.28 17.93 15.33
CA THR C 17 5.45 17.73 13.89
C THR C 17 6.18 18.94 13.28
N ILE C 18 7.22 18.67 12.47
CA ILE C 18 8.06 19.70 11.85
C ILE C 18 7.90 19.73 10.31
N ARG C 19 7.77 20.95 9.73
CA ARG C 19 7.61 21.18 8.29
C ARG C 19 8.97 21.29 7.61
N LEU C 20 9.18 20.54 6.51
CA LEU C 20 10.43 20.53 5.76
C LEU C 20 10.24 20.77 4.28
N GLU C 21 10.95 21.77 3.73
CA GLU C 21 10.91 22.09 2.31
C GLU C 21 11.96 21.20 1.65
N VAL C 22 11.50 20.20 0.89
CA VAL C 22 12.38 19.22 0.24
C VAL C 22 12.12 19.09 -1.26
N GLU C 23 13.08 18.50 -2.00
CA GLU C 23 12.92 18.23 -3.42
C GLU C 23 12.72 16.71 -3.57
N PRO C 24 11.98 16.21 -4.59
CA PRO C 24 11.79 14.75 -4.72
C PRO C 24 13.10 13.99 -4.98
N SER C 25 14.14 14.73 -5.45
CA SER C 25 15.49 14.26 -5.74
C SER C 25 16.30 14.01 -4.44
N ASP C 26 15.85 14.59 -3.31
CA ASP C 26 16.53 14.47 -2.01
C ASP C 26 16.40 13.07 -1.42
N THR C 27 17.47 12.62 -0.76
CA THR C 27 17.55 11.34 -0.07
C THR C 27 17.17 11.52 1.41
N ILE C 28 17.02 10.40 2.15
CA ILE C 28 16.69 10.39 3.58
C ILE C 28 17.83 11.01 4.41
N GLU C 29 19.10 10.86 3.95
CA GLU C 29 20.27 11.46 4.60
C GLU C 29 20.16 12.98 4.57
N ASN C 30 19.74 13.55 3.41
CA ASN C 30 19.52 15.00 3.23
C ASN C 30 18.38 15.48 4.12
N VAL C 31 17.34 14.63 4.29
CA VAL C 31 16.18 14.88 5.15
C VAL C 31 16.65 14.94 6.62
N LYS C 32 17.45 13.94 7.03
CA LYS C 32 18.03 13.83 8.38
C LYS C 32 18.99 14.99 8.66
N ALA C 33 19.73 15.45 7.61
CA ALA C 33 20.66 16.58 7.67
C ALA C 33 19.87 17.88 7.86
N LYS C 34 18.66 17.95 7.27
CA LYS C 34 17.76 19.11 7.38
C LYS C 34 17.12 19.16 8.78
N ILE C 35 16.91 17.99 9.41
CA ILE C 35 16.35 17.84 10.76
C ILE C 35 17.38 18.29 11.80
N GLN C 36 18.68 17.95 11.58
CA GLN C 36 19.81 18.33 12.44
C GLN C 36 19.91 19.88 12.55
N ASP C 37 19.53 20.59 11.47
CA ASP C 37 19.52 22.05 11.44
C ASP C 37 18.32 22.63 12.22
N LYS C 38 17.21 21.87 12.31
CA LYS C 38 15.96 22.27 12.96
C LYS C 38 15.79 21.83 14.43
N GLU C 39 16.29 20.65 14.82
CA GLU C 39 16.14 20.11 16.17
C GLU C 39 17.48 19.80 16.88
N GLY C 40 18.55 19.64 16.11
CA GLY C 40 19.89 19.37 16.63
C GLY C 40 20.12 17.91 17.00
N ILE C 41 19.65 16.99 16.14
CA ILE C 41 19.78 15.55 16.34
C ILE C 41 20.66 14.96 15.20
N PRO C 42 21.73 14.19 15.51
CA PRO C 42 22.56 13.60 14.43
C PRO C 42 21.79 12.60 13.57
N PRO C 43 22.12 12.43 12.26
CA PRO C 43 21.36 11.50 11.40
C PRO C 43 21.34 10.03 11.86
N ASP C 44 22.47 9.53 12.40
CA ASP C 44 22.57 8.16 12.91
C ASP C 44 21.68 7.93 14.14
N GLN C 45 21.44 8.99 14.93
CA GLN C 45 20.57 8.99 16.11
C GLN C 45 19.08 9.20 15.71
N GLN C 46 18.79 9.23 14.39
CA GLN C 46 17.46 9.42 13.83
C GLN C 46 16.96 8.14 13.12
N ARG C 47 15.69 7.78 13.35
CA ARG C 47 15.06 6.62 12.71
C ARG C 47 13.80 7.09 11.96
N LEU C 48 13.85 7.08 10.62
CA LEU C 48 12.75 7.54 9.77
C LEU C 48 11.85 6.42 9.27
N PHE C 49 10.53 6.70 9.18
CA PHE C 49 9.51 5.76 8.74
C PHE C 49 8.48 6.39 7.82
N PHE C 50 7.90 5.57 6.93
CA PHE C 50 6.84 5.92 5.98
C PHE C 50 6.18 4.63 5.52
N GLU C 51 4.85 4.54 5.70
CA GLU C 51 4.00 3.37 5.38
C GLU C 51 4.44 2.10 6.15
N GLY C 52 5.01 2.31 7.34
CA GLY C 52 5.50 1.25 8.21
C GLY C 52 6.96 0.88 8.01
N LYS C 53 7.44 1.00 6.75
CA LYS C 53 8.80 0.68 6.33
C LYS C 53 9.84 1.68 6.87
N GLN C 54 10.96 1.16 7.38
CA GLN C 54 12.09 1.93 7.91
C GLN C 54 12.86 2.54 6.73
N LEU C 55 12.86 3.88 6.62
CA LEU C 55 13.53 4.59 5.54
C LEU C 55 15.04 4.53 5.72
N GLU C 56 15.70 3.90 4.74
CA GLU C 56 17.15 3.72 4.69
C GLU C 56 17.79 4.88 3.93
N ASP C 57 18.94 5.36 4.43
CA ASP C 57 19.71 6.44 3.82
C ASP C 57 20.25 5.96 2.48
N GLY C 58 20.19 6.82 1.48
CA GLY C 58 20.62 6.49 0.12
C GLY C 58 19.50 6.60 -0.88
N ARG C 59 18.38 5.89 -0.61
CA ARG C 59 17.19 5.93 -1.46
C ARG C 59 16.55 7.31 -1.36
N THR C 60 16.20 7.90 -2.51
CA THR C 60 15.58 9.21 -2.61
C THR C 60 14.12 9.16 -2.12
N LEU C 61 13.49 10.33 -1.89
CA LEU C 61 12.09 10.42 -1.46
C LEU C 61 11.15 9.86 -2.55
N SER C 62 11.63 9.81 -3.80
CA SER C 62 10.92 9.28 -4.98
C SER C 62 10.83 7.75 -4.93
N ASP C 63 11.89 7.09 -4.39
CA ASP C 63 11.99 5.63 -4.27
C ASP C 63 10.88 5.04 -3.39
N TYR C 64 10.51 5.74 -2.31
CA TYR C 64 9.45 5.36 -1.38
C TYR C 64 8.12 6.03 -1.75
N ASN C 65 8.12 6.79 -2.86
CA ASN C 65 6.99 7.55 -3.41
C ASN C 65 6.40 8.53 -2.39
N ILE C 66 7.27 9.47 -1.94
CA ILE C 66 6.92 10.52 -0.97
C ILE C 66 6.74 11.82 -1.76
N ASN C 67 5.57 12.44 -1.62
CA ASN C 67 5.21 13.69 -2.29
C ASN C 67 4.72 14.74 -1.29
N LYS C 68 4.07 15.82 -1.80
CA LYS C 68 3.52 16.91 -0.99
C LYS C 68 2.50 16.38 0.03
N LYS C 69 2.50 16.95 1.24
CA LYS C 69 1.60 16.62 2.36
C LYS C 69 1.71 15.15 2.83
N SER C 70 2.91 14.56 2.76
CA SER C 70 3.16 13.18 3.21
C SER C 70 3.59 13.16 4.68
N THR C 71 3.00 12.25 5.47
CA THR C 71 3.29 12.11 6.90
C THR C 71 4.42 11.10 7.13
N LEU C 72 5.57 11.62 7.61
CA LEU C 72 6.76 10.83 7.92
C LEU C 72 6.85 10.67 9.44
N LEU C 73 7.44 9.56 9.90
CA LEU C 73 7.57 9.29 11.33
C LEU C 73 9.04 9.26 11.76
N LEU C 74 9.39 10.07 12.76
CA LEU C 74 10.75 10.13 13.30
C LEU C 74 10.73 9.73 14.78
N VAL C 75 11.48 8.67 15.11
CA VAL C 75 11.58 8.20 16.49
C VAL C 75 13.01 8.47 17.00
N VAL C 76 13.10 9.16 18.15
CA VAL C 76 14.38 9.53 18.77
C VAL C 76 14.45 9.14 20.26
N LYS C 77 15.67 9.14 20.84
CA LYS C 77 15.94 8.84 22.24
C LYS C 77 15.47 10.00 23.13
N PHE C 78 14.98 9.69 24.34
CA PHE C 78 14.49 10.71 25.27
C PHE C 78 15.62 11.42 26.05
N HIS C 79 16.70 10.69 26.39
CA HIS C 79 17.88 11.13 27.16
C HIS C 79 17.51 11.54 28.60
N GLY D 4 9.14 19.33 -6.88
CA GLY D 4 10.24 20.28 -6.87
C GLY D 4 10.32 21.11 -5.60
N SER D 5 9.14 21.49 -5.05
CA SER D 5 9.02 22.32 -3.85
C SER D 5 8.32 21.59 -2.69
N MET D 6 7.79 20.37 -2.94
CA MET D 6 7.03 19.52 -2.01
C MET D 6 7.43 19.66 -0.54
N GLN D 7 6.44 20.00 0.30
CA GLN D 7 6.59 20.18 1.74
C GLN D 7 6.14 18.90 2.45
N ILE D 8 7.04 18.30 3.23
CA ILE D 8 6.76 17.07 3.97
C ILE D 8 6.67 17.32 5.48
N LEU D 9 5.82 16.54 6.17
CA LEU D 9 5.63 16.62 7.62
C LEU D 9 6.37 15.48 8.30
N VAL D 10 7.11 15.79 9.36
CA VAL D 10 7.89 14.81 10.11
C VAL D 10 7.39 14.79 11.56
N THR D 11 6.69 13.70 11.93
CA THR D 11 6.13 13.49 13.27
C THR D 11 7.24 12.98 14.19
N THR D 12 7.91 13.92 14.89
CA THR D 12 9.01 13.62 15.80
C THR D 12 8.47 13.18 17.17
N ILE D 13 8.79 11.94 17.57
CA ILE D 13 8.35 11.35 18.85
C ILE D 13 9.55 10.89 19.68
N SER D 14 9.48 11.13 20.99
CA SER D 14 10.48 10.72 21.99
C SER D 14 9.70 10.16 23.18
N ALA D 15 9.99 8.91 23.57
CA ALA D 15 9.29 8.27 24.70
C ALA D 15 10.14 7.33 25.53
N GLU D 16 9.85 7.27 26.83
CA GLU D 16 10.49 6.41 27.84
C GLU D 16 9.57 6.25 29.04
N THR D 17 9.66 5.12 29.75
CA THR D 17 8.84 4.89 30.95
C THR D 17 9.73 4.85 32.19
N ILE D 18 9.32 5.59 33.24
CA ILE D 18 10.04 5.70 34.50
C ILE D 18 9.24 5.12 35.67
N ARG D 19 9.95 4.60 36.69
CA ARG D 19 9.39 4.02 37.91
C ARG D 19 9.45 5.02 39.06
N LEU D 20 8.37 5.10 39.86
CA LEU D 20 8.31 6.02 41.00
C LEU D 20 7.72 5.36 42.24
N GLU D 21 8.45 5.42 43.36
CA GLU D 21 7.99 4.89 44.64
C GLU D 21 7.18 6.02 45.29
N VAL D 22 5.85 5.84 45.33
CA VAL D 22 4.91 6.82 45.88
C VAL D 22 4.00 6.21 46.95
N GLU D 23 3.39 7.06 47.77
CA GLU D 23 2.45 6.66 48.82
C GLU D 23 1.04 6.96 48.31
N PRO D 24 -0.03 6.20 48.69
CA PRO D 24 -1.39 6.56 48.23
C PRO D 24 -1.83 7.94 48.73
N SER D 25 -1.20 8.41 49.82
CA SER D 25 -1.41 9.71 50.46
C SER D 25 -0.76 10.86 49.67
N ASP D 26 0.20 10.56 48.77
CA ASP D 26 0.90 11.58 47.97
C ASP D 26 -0.01 12.33 46.99
N THR D 27 0.18 13.65 46.92
CA THR D 27 -0.55 14.59 46.06
C THR D 27 0.10 14.60 44.66
N ILE D 28 -0.65 15.05 43.63
CA ILE D 28 -0.17 15.17 42.23
C ILE D 28 1.03 16.13 42.16
N GLU D 29 1.04 17.17 43.04
CA GLU D 29 2.12 18.14 43.18
C GLU D 29 3.40 17.43 43.64
N ASN D 30 3.28 16.46 44.59
CA ASN D 30 4.39 15.67 45.10
C ASN D 30 4.90 14.67 44.07
N VAL D 31 4.00 14.15 43.20
CA VAL D 31 4.30 13.21 42.12
C VAL D 31 5.13 13.94 41.04
N LYS D 32 4.70 15.18 40.68
CA LYS D 32 5.39 16.04 39.70
C LYS D 32 6.76 16.48 40.22
N ALA D 33 6.90 16.60 41.56
CA ALA D 33 8.15 16.97 42.23
C ALA D 33 9.16 15.83 42.16
N LYS D 34 8.66 14.58 42.20
CA LYS D 34 9.48 13.36 42.12
C LYS D 34 10.02 13.15 40.69
N ILE D 35 9.26 13.62 39.67
CA ILE D 35 9.64 13.56 38.25
C ILE D 35 10.78 14.57 37.99
N GLN D 36 10.74 15.73 38.66
CA GLN D 36 11.77 16.78 38.57
C GLN D 36 13.13 16.28 39.06
N ASP D 37 13.14 15.39 40.08
CA ASP D 37 14.35 14.80 40.63
C ASP D 37 14.92 13.72 39.71
N LYS D 38 14.01 12.96 39.05
CA LYS D 38 14.37 11.85 38.15
C LYS D 38 14.83 12.32 36.77
N GLU D 39 14.08 13.25 36.13
CA GLU D 39 14.38 13.73 34.79
C GLU D 39 14.95 15.15 34.76
N GLY D 40 14.27 16.09 35.42
CA GLY D 40 14.65 17.50 35.45
C GLY D 40 13.67 18.38 34.72
N ILE D 41 12.35 18.12 34.90
CA ILE D 41 11.26 18.86 34.27
C ILE D 41 10.44 19.58 35.37
N PRO D 42 10.22 20.91 35.27
CA PRO D 42 9.44 21.61 36.31
C PRO D 42 7.97 21.15 36.37
N PRO D 43 7.30 21.19 37.56
CA PRO D 43 5.90 20.72 37.63
C PRO D 43 4.89 21.46 36.75
N ASP D 44 5.05 22.79 36.56
CA ASP D 44 4.18 23.60 35.71
C ASP D 44 4.31 23.21 34.23
N GLN D 45 5.55 22.84 33.82
CA GLN D 45 5.93 22.45 32.45
C GLN D 45 5.70 20.96 32.14
N GLN D 46 4.71 20.32 32.79
CA GLN D 46 4.35 18.91 32.57
C GLN D 46 2.84 18.65 32.80
N ARG D 47 2.27 17.73 32.00
CA ARG D 47 0.84 17.35 32.06
C ARG D 47 0.67 15.86 32.38
N LEU D 48 -0.05 15.54 33.49
CA LEU D 48 -0.27 14.17 33.95
C LEU D 48 -1.66 13.63 33.64
N PHE D 49 -1.74 12.33 33.26
CA PHE D 49 -2.98 11.66 32.88
C PHE D 49 -3.09 10.26 33.47
N PHE D 50 -4.34 9.82 33.70
CA PHE D 50 -4.73 8.51 34.18
C PHE D 50 -6.20 8.27 33.82
N GLU D 51 -6.48 7.18 33.09
CA GLU D 51 -7.80 6.78 32.58
C GLU D 51 -8.41 7.85 31.64
N GLY D 52 -7.53 8.59 30.96
CA GLY D 52 -7.89 9.66 30.03
C GLY D 52 -8.01 11.03 30.67
N LYS D 53 -8.40 11.07 31.95
CA LYS D 53 -8.59 12.30 32.73
C LYS D 53 -7.28 12.99 33.10
N GLN D 54 -7.31 14.33 33.03
CA GLN D 54 -6.22 15.25 33.37
C GLN D 54 -6.09 15.32 34.89
N LEU D 55 -4.90 14.98 35.42
CA LEU D 55 -4.65 14.98 36.86
C LEU D 55 -4.34 16.41 37.35
N GLU D 56 -5.24 16.94 38.20
CA GLU D 56 -5.13 18.28 38.79
C GLU D 56 -4.13 18.30 39.94
N ASP D 57 -3.31 19.38 40.01
CA ASP D 57 -2.26 19.62 41.01
C ASP D 57 -2.73 19.47 42.47
N GLY D 58 -3.90 20.01 42.78
CA GLY D 58 -4.50 19.98 44.11
C GLY D 58 -4.95 18.61 44.59
N ARG D 59 -5.55 17.80 43.68
CA ARG D 59 -6.07 16.47 43.99
C ARG D 59 -4.96 15.42 44.26
N THR D 60 -5.31 14.27 44.88
CA THR D 60 -4.38 13.21 45.28
C THR D 60 -4.50 11.91 44.43
N LEU D 61 -3.56 10.95 44.66
CA LEU D 61 -3.54 9.64 43.97
C LEU D 61 -4.73 8.77 44.36
N SER D 62 -5.15 8.80 45.64
CA SER D 62 -6.30 8.05 46.17
C SER D 62 -7.62 8.53 45.53
N ASP D 63 -7.71 9.84 45.25
CA ASP D 63 -8.87 10.50 44.63
C ASP D 63 -9.18 9.95 43.23
N TYR D 64 -8.13 9.65 42.45
CA TYR D 64 -8.24 9.09 41.11
C TYR D 64 -8.12 7.55 41.14
N ASN D 65 -8.00 6.98 42.36
CA ASN D 65 -7.86 5.55 42.66
C ASN D 65 -6.65 4.93 41.94
N ILE D 66 -5.46 5.48 42.26
CA ILE D 66 -4.17 5.04 41.71
C ILE D 66 -3.47 4.21 42.79
N ASN D 67 -3.14 2.96 42.45
CA ASN D 67 -2.46 2.02 43.36
C ASN D 67 -1.19 1.44 42.72
N LYS D 68 -0.64 0.35 43.31
CA LYS D 68 0.55 -0.33 42.82
C LYS D 68 0.37 -0.80 41.37
N LYS D 69 1.44 -0.68 40.56
CA LYS D 69 1.52 -1.08 39.14
C LYS D 69 0.50 -0.34 38.24
N SER D 70 0.20 0.94 38.54
CA SER D 70 -0.71 1.76 37.73
C SER D 70 0.08 2.54 36.68
N THR D 71 -0.42 2.55 35.44
CA THR D 71 0.21 3.22 34.30
C THR D 71 -0.29 4.67 34.18
N LEU D 72 0.60 5.63 34.43
CA LEU D 72 0.35 7.07 34.34
C LEU D 72 0.95 7.60 33.04
N LEU D 73 0.38 8.67 32.49
CA LEU D 73 0.85 9.26 31.25
C LEU D 73 1.35 10.70 31.46
N LEU D 74 2.59 10.96 31.06
CA LEU D 74 3.19 12.29 31.16
C LEU D 74 3.53 12.81 29.78
N VAL D 75 2.97 13.97 29.41
CA VAL D 75 3.26 14.58 28.12
C VAL D 75 4.06 15.87 28.34
N VAL D 76 5.22 15.98 27.65
CA VAL D 76 6.14 17.11 27.76
C VAL D 76 6.56 17.66 26.39
N LYS D 77 7.33 18.76 26.38
CA LYS D 77 7.85 19.38 25.17
C LYS D 77 9.36 19.13 25.01
N PHE D 78 9.79 18.76 23.78
CA PHE D 78 11.17 18.47 23.35
C PHE D 78 11.97 17.64 24.37
N GLY E 4 4.38 -45.11 -28.19
CA GLY E 4 4.77 -44.63 -29.50
C GLY E 4 5.34 -43.23 -29.49
N SER E 5 4.53 -42.25 -29.03
CA SER E 5 4.90 -40.84 -28.95
C SER E 5 4.83 -40.27 -27.53
N MET E 6 5.71 -39.30 -27.23
CA MET E 6 5.82 -38.62 -25.93
C MET E 6 5.66 -37.10 -26.08
N GLN E 7 5.30 -36.40 -25.00
CA GLN E 7 5.18 -34.93 -25.06
C GLN E 7 6.39 -34.29 -24.38
N ILE E 8 7.05 -33.36 -25.09
CA ILE E 8 8.26 -32.67 -24.64
C ILE E 8 8.01 -31.17 -24.51
N LEU E 9 8.80 -30.52 -23.63
CA LEU E 9 8.71 -29.08 -23.38
C LEU E 9 9.85 -28.36 -24.08
N VAL E 10 9.51 -27.29 -24.81
CA VAL E 10 10.48 -26.48 -25.54
C VAL E 10 10.37 -25.04 -25.02
N THR E 11 11.41 -24.60 -24.30
CA THR E 11 11.53 -23.26 -23.72
C THR E 11 11.98 -22.28 -24.81
N THR E 12 11.00 -21.65 -25.49
CA THR E 12 11.24 -20.70 -26.57
C THR E 12 11.61 -19.32 -26.02
N ILE E 13 12.82 -18.84 -26.35
CA ILE E 13 13.35 -17.54 -25.95
C ILE E 13 13.80 -16.74 -27.19
N SER E 14 13.54 -15.43 -27.16
CA SER E 14 13.91 -14.49 -28.21
C SER E 14 14.58 -13.29 -27.55
N ALA E 15 15.82 -12.98 -27.95
CA ALA E 15 16.57 -11.89 -27.35
C ALA E 15 17.49 -11.13 -28.30
N GLU E 16 17.62 -9.81 -28.05
CA GLU E 16 18.48 -8.86 -28.76
C GLU E 16 18.65 -7.56 -27.97
N THR E 17 19.85 -6.96 -28.02
CA THR E 17 20.14 -5.70 -27.33
C THR E 17 20.15 -4.56 -28.36
N ILE E 18 19.38 -3.50 -28.09
CA ILE E 18 19.27 -2.33 -28.97
C ILE E 18 19.75 -1.05 -28.29
N ARG E 19 20.43 -0.19 -29.07
CA ARG E 19 20.95 1.09 -28.59
C ARG E 19 19.91 2.18 -28.66
N LEU E 20 19.78 2.98 -27.58
CA LEU E 20 18.86 4.10 -27.55
C LEU E 20 19.51 5.37 -27.04
N GLU E 21 19.49 6.42 -27.88
CA GLU E 21 20.02 7.72 -27.50
C GLU E 21 18.86 8.45 -26.82
N VAL E 22 18.98 8.74 -25.54
CA VAL E 22 17.91 9.40 -24.82
C VAL E 22 18.46 10.50 -23.92
N GLU E 23 17.61 11.38 -23.38
CA GLU E 23 18.10 12.44 -22.49
C GLU E 23 17.78 12.07 -21.07
N PRO E 24 18.52 12.58 -20.07
CA PRO E 24 18.19 12.23 -18.68
C PRO E 24 16.81 12.76 -18.25
N SER E 25 16.30 13.77 -18.98
CA SER E 25 15.00 14.41 -18.80
C SER E 25 13.85 13.56 -19.37
N ASP E 26 14.15 12.59 -20.25
CA ASP E 26 13.15 11.71 -20.87
C ASP E 26 12.44 10.80 -19.88
N THR E 27 11.11 10.70 -20.01
CA THR E 27 10.30 9.82 -19.16
C THR E 27 10.23 8.43 -19.79
N ILE E 28 9.87 7.41 -18.98
CA ILE E 28 9.74 6.01 -19.38
C ILE E 28 8.74 5.87 -20.55
N GLU E 29 7.72 6.75 -20.58
CA GLU E 29 6.71 6.86 -21.62
C GLU E 29 7.38 7.14 -22.97
N ASN E 30 8.33 8.10 -23.00
CA ASN E 30 9.11 8.50 -24.18
C ASN E 30 10.13 7.43 -24.58
N VAL E 31 10.64 6.66 -23.59
CA VAL E 31 11.59 5.56 -23.78
C VAL E 31 10.88 4.41 -24.52
N LYS E 32 9.64 4.09 -24.08
CA LYS E 32 8.79 3.06 -24.69
C LYS E 32 8.37 3.43 -26.12
N ALA E 33 8.25 4.75 -26.38
CA ALA E 33 7.91 5.30 -27.70
C ALA E 33 9.08 5.14 -28.66
N LYS E 34 10.31 5.23 -28.16
CA LYS E 34 11.55 5.07 -28.93
C LYS E 34 11.78 3.61 -29.32
N ILE E 35 11.29 2.66 -28.49
CA ILE E 35 11.38 1.22 -28.73
C ILE E 35 10.40 0.83 -29.86
N GLN E 36 9.22 1.50 -29.92
CA GLN E 36 8.20 1.30 -30.95
C GLN E 36 8.73 1.68 -32.33
N ASP E 37 9.60 2.72 -32.39
CA ASP E 37 10.22 3.21 -33.63
C ASP E 37 11.42 2.33 -34.03
N LYS E 38 12.23 1.91 -33.06
CA LYS E 38 13.42 1.08 -33.26
C LYS E 38 13.11 -0.41 -33.46
N GLU E 39 11.85 -0.84 -33.19
CA GLU E 39 11.42 -2.23 -33.37
C GLU E 39 10.00 -2.34 -33.94
N GLY E 40 8.99 -2.05 -33.13
CA GLY E 40 7.59 -2.10 -33.53
C GLY E 40 6.68 -2.74 -32.50
N ILE E 41 6.89 -2.40 -31.21
CA ILE E 41 6.12 -2.92 -30.07
C ILE E 41 5.37 -1.76 -29.39
N PRO E 42 4.03 -1.85 -29.18
CA PRO E 42 3.31 -0.74 -28.52
C PRO E 42 3.74 -0.54 -27.05
N PRO E 43 3.69 0.71 -26.51
CA PRO E 43 4.13 0.93 -25.11
C PRO E 43 3.37 0.15 -24.03
N ASP E 44 2.06 -0.07 -24.21
CA ASP E 44 1.25 -0.83 -23.24
C ASP E 44 1.69 -2.29 -23.11
N GLN E 45 2.14 -2.89 -24.23
CA GLN E 45 2.62 -4.27 -24.28
C GLN E 45 4.06 -4.40 -23.75
N GLN E 46 4.74 -3.26 -23.53
CA GLN E 46 6.13 -3.20 -23.04
C GLN E 46 6.20 -3.14 -21.51
N ARG E 47 7.18 -3.86 -20.94
CA ARG E 47 7.49 -3.93 -19.50
C ARG E 47 8.99 -3.69 -19.31
N LEU E 48 9.36 -2.52 -18.76
CA LEU E 48 10.75 -2.10 -18.56
C LEU E 48 11.27 -2.31 -17.14
N PHE E 49 12.56 -2.67 -17.02
CA PHE E 49 13.23 -2.94 -15.74
C PHE E 49 14.64 -2.37 -15.67
N PHE E 50 15.08 -2.04 -14.46
CA PHE E 50 16.41 -1.53 -14.13
C PHE E 50 16.64 -1.76 -12.63
N GLU E 51 17.73 -2.48 -12.29
CA GLU E 51 18.12 -2.86 -10.92
C GLU E 51 17.04 -3.71 -10.21
N GLY E 52 16.27 -4.46 -11.00
CA GLY E 52 15.19 -5.31 -10.54
C GLY E 52 13.83 -4.64 -10.49
N LYS E 53 13.81 -3.32 -10.25
CA LYS E 53 12.60 -2.49 -10.14
C LYS E 53 11.93 -2.28 -11.48
N GLN E 54 10.59 -2.44 -11.54
CA GLN E 54 9.82 -2.25 -12.76
C GLN E 54 9.65 -0.75 -13.00
N LEU E 55 10.17 -0.27 -14.14
CA LEU E 55 10.13 1.14 -14.53
C LEU E 55 8.72 1.53 -14.96
N GLU E 56 8.15 2.57 -14.33
CA GLU E 56 6.78 2.96 -14.66
C GLU E 56 6.60 4.42 -15.09
N ASP E 57 5.53 4.65 -15.88
CA ASP E 57 5.09 5.93 -16.45
C ASP E 57 4.84 6.97 -15.37
N GLY E 58 5.53 8.10 -15.48
CA GLY E 58 5.46 9.20 -14.53
C GLY E 58 6.85 9.68 -14.17
N ARG E 59 7.70 8.73 -13.72
CA ARG E 59 9.10 8.99 -13.36
C ARG E 59 9.93 9.23 -14.64
N THR E 60 11.13 9.80 -14.48
CA THR E 60 12.06 10.02 -15.58
C THR E 60 13.22 9.01 -15.44
N LEU E 61 14.25 9.10 -16.31
CA LEU E 61 15.42 8.22 -16.22
C LEU E 61 16.35 8.67 -15.08
N SER E 62 16.25 9.96 -14.68
CA SER E 62 17.03 10.56 -13.58
C SER E 62 16.55 10.04 -12.22
N ASP E 63 15.23 9.79 -12.08
CA ASP E 63 14.58 9.28 -10.87
C ASP E 63 15.10 7.90 -10.48
N TYR E 64 15.39 7.04 -11.48
CA TYR E 64 15.92 5.69 -11.27
C TYR E 64 17.46 5.69 -11.39
N ASN E 65 18.05 6.89 -11.60
CA ASN E 65 19.48 7.15 -11.76
C ASN E 65 20.08 6.33 -12.91
N ILE E 66 19.54 6.55 -14.13
CA ILE E 66 19.98 5.88 -15.36
C ILE E 66 20.85 6.87 -16.14
N ASN E 67 22.09 6.47 -16.44
CA ASN E 67 23.07 7.27 -17.15
C ASN E 67 23.64 6.53 -18.37
N LYS E 68 24.75 7.03 -18.95
CA LYS E 68 25.45 6.45 -20.10
C LYS E 68 25.84 5.00 -19.83
N LYS E 69 25.69 4.13 -20.84
CA LYS E 69 26.03 2.70 -20.83
C LYS E 69 25.28 1.88 -19.75
N SER E 70 24.01 2.24 -19.47
CA SER E 70 23.17 1.53 -18.49
C SER E 70 22.37 0.42 -19.18
N THR E 71 22.35 -0.78 -18.56
CA THR E 71 21.65 -1.96 -19.08
C THR E 71 20.21 -2.01 -18.56
N LEU E 72 19.25 -1.84 -19.48
CA LEU E 72 17.81 -1.89 -19.20
C LEU E 72 17.26 -3.25 -19.67
N LEU E 73 16.19 -3.73 -19.02
CA LEU E 73 15.57 -5.01 -19.37
C LEU E 73 14.15 -4.82 -19.87
N LEU E 74 13.86 -5.35 -21.07
CA LEU E 74 12.53 -5.27 -21.66
C LEU E 74 11.95 -6.66 -21.85
N VAL E 75 10.80 -6.93 -21.22
CA VAL E 75 10.12 -8.22 -21.35
C VAL E 75 8.81 -7.99 -22.12
N VAL E 76 8.60 -8.78 -23.19
CA VAL E 76 7.43 -8.63 -24.07
C VAL E 76 6.67 -9.95 -24.23
N LYS E 77 5.41 -9.85 -24.71
CA LYS E 77 4.49 -10.96 -24.93
C LYS E 77 4.91 -11.86 -26.10
N PHE E 78 4.61 -13.16 -25.99
CA PHE E 78 4.93 -14.16 -26.99
C PHE E 78 3.75 -15.07 -27.28
N SER F 5 22.12 14.47 -23.47
CA SER F 5 21.73 13.30 -24.27
C SER F 5 22.69 12.17 -24.09
N MET F 6 22.18 10.96 -23.89
CA MET F 6 23.06 9.81 -23.73
C MET F 6 22.58 8.50 -24.29
N GLN F 7 23.44 7.51 -24.26
CA GLN F 7 23.17 6.22 -24.82
C GLN F 7 22.96 5.17 -23.80
N ILE F 8 21.93 4.39 -24.05
CA ILE F 8 21.50 3.31 -23.16
C ILE F 8 21.24 2.02 -23.94
N LEU F 9 21.48 0.87 -23.30
CA LEU F 9 21.26 -0.44 -23.91
C LEU F 9 19.98 -1.06 -23.35
N VAL F 10 19.15 -1.61 -24.24
CA VAL F 10 17.89 -2.23 -23.88
C VAL F 10 17.92 -3.71 -24.28
N THR F 11 18.01 -4.59 -23.28
CA THR F 11 18.04 -6.05 -23.44
C THR F 11 16.60 -6.55 -23.63
N THR F 12 16.18 -6.67 -24.90
CA THR F 12 14.83 -7.11 -25.28
C THR F 12 14.72 -8.62 -25.20
N ILE F 13 13.84 -9.13 -24.34
CA ILE F 13 13.58 -10.57 -24.14
C ILE F 13 12.09 -10.88 -24.29
N SER F 14 11.80 -12.01 -24.94
CA SER F 14 10.46 -12.55 -25.18
C SER F 14 10.54 -14.05 -24.91
N ALA F 15 9.68 -14.57 -24.01
CA ALA F 15 9.72 -15.99 -23.66
C ALA F 15 8.35 -16.63 -23.43
N GLU F 16 8.21 -17.89 -23.87
CA GLU F 16 7.02 -18.74 -23.73
C GLU F 16 7.41 -20.19 -24.01
N THR F 17 6.84 -21.14 -23.25
CA THR F 17 7.14 -22.57 -23.41
C THR F 17 6.06 -23.29 -24.21
N ILE F 18 6.47 -24.14 -25.17
CA ILE F 18 5.54 -24.88 -26.03
C ILE F 18 5.66 -26.40 -25.92
N ARG F 19 4.52 -27.09 -25.95
CA ARG F 19 4.40 -28.55 -25.87
C ARG F 19 4.43 -29.17 -27.26
N LEU F 20 5.18 -30.28 -27.42
CA LEU F 20 5.30 -30.99 -28.69
C LEU F 20 5.20 -32.50 -28.53
N GLU F 21 4.30 -33.14 -29.29
CA GLU F 21 4.16 -34.59 -29.29
C GLU F 21 5.15 -35.11 -30.33
N VAL F 22 6.21 -35.78 -29.85
CA VAL F 22 7.30 -36.31 -30.69
C VAL F 22 7.53 -37.81 -30.46
N GLU F 23 8.17 -38.48 -31.43
CA GLU F 23 8.54 -39.90 -31.34
C GLU F 23 10.04 -39.97 -31.02
N PRO F 24 10.54 -40.99 -30.27
CA PRO F 24 11.99 -41.05 -30.00
C PRO F 24 12.82 -41.25 -31.27
N SER F 25 12.15 -41.74 -32.34
CA SER F 25 12.69 -42.00 -33.67
C SER F 25 12.88 -40.70 -34.48
N ASP F 26 12.13 -39.63 -34.14
CA ASP F 26 12.19 -38.33 -34.84
C ASP F 26 13.51 -37.60 -34.59
N THR F 27 14.05 -36.95 -35.64
CA THR F 27 15.29 -36.17 -35.58
C THR F 27 15.00 -34.73 -35.13
N ILE F 28 16.05 -33.94 -34.86
CA ILE F 28 15.95 -32.53 -34.48
C ILE F 28 15.44 -31.69 -35.67
N GLU F 29 15.72 -32.15 -36.92
CA GLU F 29 15.27 -31.54 -38.17
C GLU F 29 13.74 -31.59 -38.22
N ASN F 30 13.15 -32.76 -37.88
CA ASN F 30 11.70 -32.99 -37.82
C ASN F 30 11.08 -32.23 -36.65
N VAL F 31 11.85 -32.04 -35.56
CA VAL F 31 11.42 -31.29 -34.37
C VAL F 31 11.33 -29.79 -34.71
N LYS F 32 12.33 -29.28 -35.46
CA LYS F 32 12.37 -27.89 -35.93
C LYS F 32 11.22 -27.61 -36.91
N ALA F 33 10.79 -28.64 -37.67
CA ALA F 33 9.66 -28.58 -38.60
C ALA F 33 8.33 -28.51 -37.84
N LYS F 34 8.26 -29.15 -36.66
CA LYS F 34 7.08 -29.14 -35.79
C LYS F 34 6.90 -27.78 -35.10
N ILE F 35 8.02 -27.06 -34.85
CA ILE F 35 8.05 -25.72 -34.26
C ILE F 35 7.52 -24.70 -35.31
N GLN F 36 7.81 -24.95 -36.61
CA GLN F 36 7.35 -24.14 -37.76
C GLN F 36 5.81 -24.10 -37.81
N ASP F 37 5.18 -25.26 -37.52
CA ASP F 37 3.73 -25.43 -37.54
C ASP F 37 3.07 -24.77 -36.34
N LYS F 38 3.72 -24.84 -35.16
CA LYS F 38 3.22 -24.29 -33.91
C LYS F 38 3.36 -22.77 -33.79
N GLU F 39 4.51 -22.20 -34.20
CA GLU F 39 4.74 -20.76 -34.06
C GLU F 39 5.00 -20.00 -35.37
N GLY F 40 5.75 -20.60 -36.29
CA GLY F 40 6.05 -19.99 -37.58
C GLY F 40 7.46 -19.45 -37.72
N ILE F 41 8.44 -20.24 -37.25
CA ILE F 41 9.87 -19.90 -37.30
C ILE F 41 10.60 -20.92 -38.19
N PRO F 42 11.37 -20.48 -39.23
CA PRO F 42 12.08 -21.44 -40.09
C PRO F 42 13.14 -22.27 -39.33
N PRO F 43 13.44 -23.53 -39.75
CA PRO F 43 14.44 -24.33 -39.02
C PRO F 43 15.84 -23.74 -38.94
N ASP F 44 16.32 -23.05 -40.00
CA ASP F 44 17.65 -22.42 -40.01
C ASP F 44 17.78 -21.29 -38.97
N GLN F 45 16.67 -20.54 -38.77
CA GLN F 45 16.54 -19.40 -37.86
C GLN F 45 16.52 -19.81 -36.37
N GLN F 46 16.18 -21.07 -36.09
CA GLN F 46 16.09 -21.57 -34.71
C GLN F 46 17.26 -22.49 -34.30
N ARG F 47 17.72 -22.32 -33.05
CA ARG F 47 18.82 -23.08 -32.44
C ARG F 47 18.28 -23.85 -31.21
N LEU F 48 18.46 -25.18 -31.21
CA LEU F 48 18.00 -26.09 -30.16
C LEU F 48 19.09 -26.54 -29.20
N PHE F 49 18.74 -26.69 -27.91
CA PHE F 49 19.67 -27.09 -26.85
C PHE F 49 19.04 -28.08 -25.88
N PHE F 50 19.89 -28.93 -25.28
CA PHE F 50 19.56 -29.93 -24.27
C PHE F 50 20.84 -30.32 -23.53
N GLU F 51 20.82 -30.15 -22.19
CA GLU F 51 21.95 -30.41 -21.28
C GLU F 51 23.18 -29.52 -21.61
N GLY F 52 22.92 -28.35 -22.17
CA GLY F 52 23.93 -27.37 -22.58
C GLY F 52 24.41 -27.52 -24.01
N LYS F 53 24.41 -28.76 -24.53
CA LYS F 53 24.86 -29.11 -25.88
C LYS F 53 23.88 -28.65 -26.95
N GLN F 54 24.40 -28.03 -28.03
CA GLN F 54 23.58 -27.56 -29.15
C GLN F 54 23.18 -28.76 -30.00
N LEU F 55 21.86 -28.99 -30.11
CA LEU F 55 21.29 -30.09 -30.87
C LEU F 55 21.44 -29.81 -32.36
N GLU F 56 22.28 -30.59 -33.06
CA GLU F 56 22.47 -30.36 -34.49
C GLU F 56 21.30 -30.91 -35.28
N ASP F 57 20.80 -30.11 -36.27
CA ASP F 57 19.67 -30.42 -37.16
C ASP F 57 19.55 -31.91 -37.45
N GLY F 58 20.67 -32.52 -37.78
CA GLY F 58 20.75 -33.95 -38.03
C GLY F 58 21.23 -34.72 -36.82
N ARG F 59 20.30 -35.49 -36.21
CA ARG F 59 20.47 -36.40 -35.05
C ARG F 59 19.13 -36.75 -34.42
N THR F 60 18.93 -38.04 -34.09
CA THR F 60 17.70 -38.53 -33.44
C THR F 60 17.63 -38.06 -31.99
N LEU F 61 16.41 -38.00 -31.43
CA LEU F 61 16.17 -37.60 -30.04
C LEU F 61 16.68 -38.64 -29.04
N SER F 62 16.85 -39.88 -29.52
CA SER F 62 17.37 -41.02 -28.77
C SER F 62 18.88 -40.89 -28.53
N ASP F 63 19.64 -40.31 -29.51
CA ASP F 63 21.08 -40.12 -29.41
C ASP F 63 21.48 -39.17 -28.27
N TYR F 64 20.66 -38.11 -28.05
CA TYR F 64 20.88 -37.16 -26.95
C TYR F 64 20.15 -37.61 -25.67
N ASN F 65 19.47 -38.78 -25.74
CA ASN F 65 18.68 -39.41 -24.68
C ASN F 65 17.57 -38.48 -24.16
N ILE F 66 16.67 -38.08 -25.08
CA ILE F 66 15.54 -37.21 -24.80
C ILE F 66 14.28 -38.08 -24.73
N ASN F 67 13.57 -38.03 -23.59
CA ASN F 67 12.37 -38.82 -23.34
C ASN F 67 11.20 -37.91 -22.89
N LYS F 68 10.13 -38.50 -22.31
CA LYS F 68 8.95 -37.80 -21.83
C LYS F 68 9.32 -36.75 -20.77
N LYS F 69 8.65 -35.59 -20.82
CA LYS F 69 8.83 -34.46 -19.91
C LYS F 69 10.28 -33.90 -19.85
N SER F 70 10.97 -33.89 -21.02
CA SER F 70 12.32 -33.35 -21.14
C SER F 70 12.26 -31.87 -21.52
N THR F 71 13.06 -31.03 -20.85
CA THR F 71 13.12 -29.58 -21.08
C THR F 71 14.17 -29.25 -22.14
N LEU F 72 13.70 -28.78 -23.30
CA LEU F 72 14.53 -28.36 -24.43
C LEU F 72 14.58 -26.84 -24.47
N LEU F 73 15.67 -26.28 -24.99
CA LEU F 73 15.84 -24.83 -25.06
C LEU F 73 15.94 -24.35 -26.50
N LEU F 74 15.07 -23.39 -26.87
CA LEU F 74 15.04 -22.82 -28.21
C LEU F 74 15.36 -21.32 -28.14
N VAL F 75 16.42 -20.90 -28.81
CA VAL F 75 16.84 -19.49 -28.85
C VAL F 75 16.61 -18.99 -30.27
N VAL F 76 15.89 -17.86 -30.42
CA VAL F 76 15.57 -17.27 -31.72
C VAL F 76 15.95 -15.77 -31.77
N LYS F 77 16.11 -15.23 -33.00
CA LYS F 77 16.50 -13.85 -33.26
C LYS F 77 15.33 -12.85 -33.21
N PHE F 78 14.12 -13.28 -33.65
CA PHE F 78 12.86 -12.52 -33.71
C PHE F 78 13.03 -11.10 -34.30
#